data_7H6G
#
_entry.id   7H6G
#
_cell.length_a   49.110
_cell.length_b   74.450
_cell.length_c   60.650
_cell.angle_alpha   90.00
_cell.angle_beta   90.30
_cell.angle_gamma   90.00
#
_symmetry.space_group_name_H-M   'P 1 21 1'
#
loop_
_entity.id
_entity.type
_entity.pdbx_description
1 polymer 'Cathepsin G'
2 non-polymer 'ZINC ION'
3 non-polymer 'SULFATE ION'
4 non-polymer N-(2-{6-fluoro-2-[(R)-[(5R)-4-hydroxy-5-methyl-2-oxo-5-phenyl-2,5-dihydrofuran-3-yl](phenyl)methyl]-1H-indol-3-yl}ethyl)acetamide
5 non-polymer 2-[BIS-(2-HYDROXY-ETHYL)-AMINO]-2-HYDROXYMETHYL-PROPANE-1,3-DIOL
6 water water
#
_entity_poly.entity_id   1
_entity_poly.type   'polypeptide(L)'
_entity_poly.pdbx_seq_one_letter_code
;IIGGRESRPHSRPYMAYLQIQSPAGQSRCGGFLVREDFVLTAAHCWGSNINVTLGAHNIQRRENTQQHITARRAIRHPQY
NQRTIQNDIMLLQLSRRVRRNRNVNPVALPRAQEGLRPGTLCTVAGWGRVSMRRGTDTLREVQLRVQRDRQCLRIFGSYD
PRRQICVGDRRERKAAFKGDSGGPLLCNNVAHGIVSYGKSSGVPPEVFTRVSSFLPWIRTTMRSFKLLDQMETPL
;
_entity_poly.pdbx_strand_id   A,B
#
# COMPACT_ATOMS: atom_id res chain seq x y z
N ILE A 1 -8.91 12.76 5.56
CA ILE A 1 -9.50 14.03 6.07
C ILE A 1 -10.63 13.71 7.05
N ILE A 2 -10.45 14.17 8.28
CA ILE A 2 -11.44 14.06 9.36
C ILE A 2 -12.26 15.33 9.42
N GLY A 3 -13.60 15.17 9.43
CA GLY A 3 -14.53 16.28 9.62
C GLY A 3 -14.75 17.16 8.42
N GLY A 4 -14.41 16.64 7.25
CA GLY A 4 -14.55 17.37 6.01
C GLY A 4 -15.70 16.90 5.17
N ARG A 5 -15.66 17.26 3.90
N ARG A 5 -15.64 17.26 3.89
CA ARG A 5 -16.71 16.93 2.95
CA ARG A 5 -16.69 17.02 2.91
C ARG A 5 -16.06 16.39 1.69
C ARG A 5 -16.09 16.50 1.63
N GLU A 6 -16.83 15.68 0.90
CA GLU A 6 -16.38 15.21 -0.40
C GLU A 6 -16.15 16.42 -1.27
N SER A 7 -15.01 16.44 -1.96
CA SER A 7 -14.70 17.52 -2.87
C SER A 7 -15.57 17.42 -4.12
N ARG A 8 -15.84 18.56 -4.74
CA ARG A 8 -16.43 18.55 -6.07
C ARG A 8 -15.42 17.86 -6.98
N PRO A 9 -15.85 16.87 -7.77
CA PRO A 9 -14.87 16.15 -8.60
C PRO A 9 -14.10 17.07 -9.54
N HIS A 10 -12.78 16.89 -9.55
CA HIS A 10 -11.89 17.61 -10.45
C HIS A 10 -11.78 19.09 -10.17
N SER A 11 -12.28 19.51 -9.01
CA SER A 11 -12.17 20.91 -8.60
C SER A 11 -10.79 21.29 -8.07
N ARG A 12 -9.96 20.29 -7.79
CA ARG A 12 -8.60 20.50 -7.30
C ARG A 12 -7.65 19.72 -8.21
N PRO A 13 -7.50 20.19 -9.45
CA PRO A 13 -6.85 19.39 -10.48
C PRO A 13 -5.34 19.19 -10.33
N TYR A 14 -4.77 19.89 -9.36
CA TYR A 14 -3.39 19.68 -8.95
C TYR A 14 -3.20 18.48 -8.04
N MET A 15 -4.27 17.89 -7.51
CA MET A 15 -4.10 16.81 -6.52
C MET A 15 -3.53 15.56 -7.15
N ALA A 16 -2.56 15.00 -6.46
CA ALA A 16 -1.91 13.77 -6.86
C ALA A 16 -2.17 12.73 -5.78
N TYR A 17 -2.59 11.55 -6.21
CA TYR A 17 -2.72 10.40 -5.34
C TYR A 17 -1.46 9.54 -5.49
N LEU A 18 -0.80 9.25 -4.37
CA LEU A 18 0.42 8.50 -4.38
C LEU A 18 0.23 7.16 -3.72
N GLN A 19 0.67 6.13 -4.42
CA GLN A 19 0.76 4.81 -3.85
C GLN A 19 2.23 4.50 -3.61
N ILE A 20 2.59 4.24 -2.36
N ILE A 20 2.56 4.27 -2.34
CA ILE A 20 3.99 4.02 -2.00
CA ILE A 20 3.93 4.08 -1.86
C ILE A 20 4.27 2.62 -1.55
C ILE A 20 4.11 2.56 -1.68
N GLN A 21 5.11 1.97 -2.35
CA GLN A 21 5.41 0.55 -2.19
C GLN A 21 6.79 0.37 -1.59
N SER A 22 6.88 -0.53 -0.62
CA SER A 22 8.10 -0.79 0.12
C SER A 22 8.02 -2.19 0.67
N PRO A 23 9.07 -2.67 1.34
CA PRO A 23 8.98 -3.99 2.00
C PRO A 23 7.90 -4.10 3.06
N ALA A 24 7.43 -2.98 3.60
CA ALA A 24 6.33 -3.00 4.56
C ALA A 24 4.97 -3.11 3.89
N GLY A 25 4.94 -3.07 2.57
CA GLY A 25 3.70 -3.18 1.83
C GLY A 25 3.37 -1.88 1.13
N GLN A 26 2.11 -1.45 1.23
CA GLN A 26 1.63 -0.26 0.52
C GLN A 26 1.11 0.76 1.50
N SER A 27 1.37 2.03 1.21
CA SER A 27 0.84 3.13 1.98
C SER A 27 0.38 4.21 1.01
N ARG A 28 -0.39 5.16 1.53
CA ARG A 28 -1.01 6.19 0.76
C ARG A 28 -0.48 7.54 1.20
N CYS A 29 -0.29 8.41 0.21
CA CYS A 29 -0.02 9.82 0.47
C CYS A 29 -0.70 10.64 -0.59
N GLY A 30 -0.81 11.93 -0.31
CA GLY A 30 -1.12 12.90 -1.33
C GLY A 30 0.09 13.64 -1.82
N GLY A 31 -0.14 14.53 -2.74
CA GLY A 31 0.87 15.40 -3.31
C GLY A 31 0.16 16.41 -4.19
N PHE A 32 0.90 17.30 -4.81
CA PHE A 32 0.28 18.30 -5.68
C PHE A 32 1.22 18.67 -6.79
N LEU A 33 0.67 18.79 -7.98
N LEU A 33 0.67 18.76 -7.99
CA LEU A 33 1.41 19.15 -9.17
CA LEU A 33 1.40 19.23 -9.14
C LEU A 33 1.80 20.62 -9.13
C LEU A 33 1.82 20.66 -8.95
N VAL A 34 3.10 20.91 -9.24
CA VAL A 34 3.64 22.29 -9.19
C VAL A 34 4.21 22.72 -10.53
N ARG A 35 4.44 21.77 -11.42
CA ARG A 35 4.78 22.03 -12.84
C ARG A 35 4.38 20.77 -13.60
N GLU A 36 4.38 20.81 -14.93
N GLU A 36 4.41 20.82 -14.94
CA GLU A 36 3.89 19.64 -15.65
CA GLU A 36 3.98 19.67 -15.74
C GLU A 36 4.77 18.39 -15.49
C GLU A 36 4.72 18.39 -15.39
N ASP A 37 5.95 18.56 -14.89
CA ASP A 37 6.90 17.49 -14.68
C ASP A 37 7.19 17.20 -13.20
N PHE A 38 6.54 17.88 -12.27
CA PHE A 38 6.89 17.74 -10.83
C PHE A 38 5.68 17.75 -9.93
N VAL A 39 5.68 16.83 -8.98
CA VAL A 39 4.74 16.76 -7.87
C VAL A 39 5.49 17.01 -6.57
N LEU A 40 4.96 17.92 -5.76
CA LEU A 40 5.49 18.21 -4.43
C LEU A 40 4.72 17.37 -3.40
N THR A 41 5.44 16.83 -2.41
CA THR A 41 4.88 15.96 -1.41
C THR A 41 5.80 15.93 -0.19
N ALA A 42 5.55 15.00 0.72
CA ALA A 42 6.33 14.87 1.96
C ALA A 42 7.41 13.79 1.76
N ALA A 43 8.59 14.05 2.31
CA ALA A 43 9.69 13.10 2.27
C ALA A 43 9.44 11.77 2.94
N HIS A 44 8.59 11.75 3.97
CA HIS A 44 8.31 10.49 4.63
C HIS A 44 7.46 9.55 3.79
N CYS A 45 6.94 10.07 2.69
CA CYS A 45 6.17 9.29 1.75
C CYS A 45 7.10 8.59 0.76
N TRP A 46 8.40 8.70 0.95
CA TRP A 46 9.31 7.99 0.07
C TRP A 46 9.10 6.46 0.16
N GLY A 47 9.25 5.79 -0.96
CA GLY A 47 9.35 4.33 -0.95
C GLY A 47 10.08 3.90 -2.18
N SER A 48 10.36 2.59 -2.27
CA SER A 48 11.07 1.97 -3.40
C SER A 48 10.43 2.25 -4.75
N ASN A 49 9.11 2.30 -4.77
CA ASN A 49 8.38 2.75 -5.94
C ASN A 49 7.27 3.65 -5.50
N ILE A 50 7.06 4.72 -6.28
CA ILE A 50 5.98 5.66 -6.08
C ILE A 50 5.23 5.84 -7.38
N ASN A 51 3.98 5.42 -7.35
CA ASN A 51 3.10 5.56 -8.50
C ASN A 51 2.15 6.71 -8.29
N VAL A 52 2.06 7.59 -9.28
CA VAL A 52 1.28 8.80 -9.19
C VAL A 52 0.02 8.65 -10.04
N THR A 53 -1.12 8.99 -9.48
CA THR A 53 -2.35 9.08 -10.25
C THR A 53 -2.86 10.51 -10.17
N LEU A 54 -2.90 11.17 -11.31
N LEU A 54 -2.89 11.17 -11.32
CA LEU A 54 -3.43 12.53 -11.46
CA LEU A 54 -3.43 12.52 -11.50
C LEU A 54 -4.80 12.47 -12.13
C LEU A 54 -4.84 12.42 -12.04
N GLY A 55 -5.62 13.49 -11.93
CA GLY A 55 -6.94 13.55 -12.54
C GLY A 55 -7.97 12.67 -11.88
N ALA A 56 -7.73 12.29 -10.63
CA ALA A 56 -8.62 11.34 -9.96
C ALA A 56 -9.63 12.02 -9.07
N HIS A 57 -10.76 11.35 -8.90
CA HIS A 57 -11.67 11.66 -7.83
C HIS A 57 -11.86 10.44 -6.96
N ASN A 58 -12.45 9.39 -7.54
CA ASN A 58 -12.58 8.09 -6.89
C ASN A 58 -11.41 7.21 -7.31
N ILE A 59 -10.50 6.96 -6.37
CA ILE A 59 -9.30 6.20 -6.66
C ILE A 59 -9.49 4.70 -6.58
N GLN A 60 -10.73 4.26 -6.37
CA GLN A 60 -11.03 2.84 -6.45
C GLN A 60 -11.62 2.46 -7.81
N ARG A 61 -11.79 3.43 -8.70
CA ARG A 61 -12.34 3.19 -10.03
C ARG A 61 -11.41 3.74 -11.09
N ARG A 62 -11.34 3.07 -12.22
CA ARG A 62 -10.79 3.69 -13.42
C ARG A 62 -11.71 4.85 -13.78
N GLU A 63 -11.12 5.98 -14.12
CA GLU A 63 -11.83 7.17 -14.57
C GLU A 63 -11.06 7.67 -15.80
N ASN A 64 -11.79 8.11 -16.81
CA ASN A 64 -11.16 8.53 -18.06
C ASN A 64 -10.30 9.79 -17.89
N THR A 65 -10.51 10.54 -16.81
CA THR A 65 -9.75 11.72 -16.49
C THR A 65 -8.38 11.39 -15.87
N GLN A 66 -8.16 10.15 -15.47
CA GLN A 66 -6.94 9.80 -14.76
C GLN A 66 -5.73 9.71 -15.68
N GLN A 67 -4.59 10.13 -15.18
CA GLN A 67 -3.29 9.91 -15.80
C GLN A 67 -2.39 9.20 -14.78
N HIS A 68 -1.79 8.11 -15.21
CA HIS A 68 -0.89 7.30 -14.38
C HIS A 68 0.52 7.54 -14.84
N ILE A 69 1.35 8.05 -13.94
CA ILE A 69 2.75 8.36 -14.26
C ILE A 69 3.59 7.91 -13.06
N THR A 70 4.58 7.07 -13.28
CA THR A 70 5.51 6.71 -12.21
C THR A 70 6.53 7.83 -12.00
N ALA A 71 6.98 7.98 -10.78
CA ALA A 71 8.04 8.94 -10.53
C ALA A 71 9.37 8.39 -11.06
N ARG A 72 10.04 9.18 -11.88
N ARG A 72 10.05 9.16 -11.89
CA ARG A 72 11.40 8.85 -12.36
CA ARG A 72 11.39 8.79 -12.30
C ARG A 72 12.46 9.07 -11.29
C ARG A 72 12.38 8.96 -11.15
N ARG A 73 12.28 10.11 -10.47
CA ARG A 73 13.09 10.36 -9.29
C ARG A 73 12.20 10.84 -8.17
N ALA A 74 12.57 10.46 -6.96
CA ALA A 74 11.92 10.93 -5.75
C ALA A 74 13.01 11.61 -4.93
N ILE A 75 13.03 12.95 -4.93
CA ILE A 75 14.14 13.76 -4.46
C ILE A 75 13.78 14.36 -3.10
N ARG A 76 14.34 13.77 -2.06
CA ARG A 76 14.05 14.18 -0.68
C ARG A 76 14.96 15.33 -0.30
N HIS A 77 14.48 16.22 0.53
CA HIS A 77 15.33 17.27 1.06
C HIS A 77 16.55 16.62 1.71
N PRO A 78 17.75 17.20 1.52
CA PRO A 78 18.94 16.56 2.08
C PRO A 78 19.05 16.54 3.60
N GLN A 79 18.24 17.35 4.28
CA GLN A 79 18.21 17.35 5.74
C GLN A 79 16.97 16.69 6.31
N TYR A 80 16.21 15.97 5.50
CA TYR A 80 15.10 15.20 6.05
C TYR A 80 15.60 14.28 7.15
N ASN A 81 14.89 14.29 8.29
CA ASN A 81 15.28 13.51 9.44
C ASN A 81 14.11 12.62 9.79
N GLN A 82 14.28 11.31 9.68
CA GLN A 82 13.16 10.41 9.89
C GLN A 82 12.66 10.40 11.33
N ARG A 83 13.54 10.69 12.26
CA ARG A 83 13.17 10.67 13.67
C ARG A 83 12.41 11.91 14.09
N THR A 84 12.95 13.08 13.76
CA THR A 84 12.29 14.33 14.13
C THR A 84 11.21 14.76 13.14
N ILE A 85 11.28 14.22 11.92
CA ILE A 85 10.38 14.56 10.81
C ILE A 85 10.61 15.98 10.34
N GLN A 86 11.75 16.57 10.66
CA GLN A 86 12.11 17.86 10.11
C GLN A 86 12.45 17.76 8.63
N ASN A 87 12.18 18.85 7.92
CA ASN A 87 12.43 18.96 6.48
C ASN A 87 11.68 17.89 5.69
N ASP A 88 10.39 17.74 6.01
CA ASP A 88 9.57 16.71 5.42
C ASP A 88 8.99 17.17 4.10
N ILE A 89 9.84 17.17 3.09
CA ILE A 89 9.53 17.70 1.78
C ILE A 89 10.30 16.93 0.70
N MET A 90 9.61 16.62 -0.41
CA MET A 90 10.16 15.80 -1.47
C MET A 90 9.52 16.23 -2.78
N LEU A 91 10.31 16.21 -3.84
CA LEU A 91 9.83 16.44 -5.20
C LEU A 91 9.90 15.14 -5.99
N LEU A 92 8.80 14.83 -6.67
CA LEU A 92 8.76 13.71 -7.61
C LEU A 92 8.90 14.25 -9.01
N GLN A 93 10.02 13.91 -9.64
CA GLN A 93 10.23 14.18 -11.04
C GLN A 93 9.49 13.11 -11.82
N LEU A 94 8.47 13.52 -12.54
CA LEU A 94 7.65 12.58 -13.28
C LEU A 94 8.42 12.02 -14.45
N SER A 95 8.11 10.76 -14.79
CA SER A 95 8.82 10.05 -15.87
C SER A 95 8.43 10.61 -17.21
N ARG A 96 7.29 11.28 -17.27
CA ARG A 96 6.87 12.04 -18.45
C ARG A 96 6.02 13.24 -18.00
N ARG A 97 5.92 14.27 -18.84
CA ARG A 97 5.05 15.41 -18.52
C ARG A 97 3.58 15.01 -18.52
N VAL A 98 2.77 15.65 -17.67
CA VAL A 98 1.34 15.45 -17.72
C VAL A 98 0.79 16.00 -19.04
N ARG A 99 -0.37 15.48 -19.43
CA ARG A 99 -1.18 16.09 -20.49
C ARG A 99 -2.06 17.07 -19.72
N ARG A 100 -1.76 18.36 -19.85
CA ARG A 100 -2.47 19.34 -19.10
C ARG A 100 -3.88 19.49 -19.64
N ASN A 101 -4.83 19.57 -18.73
CA ASN A 101 -6.23 19.80 -19.08
C ASN A 101 -6.93 20.28 -17.84
N ARG A 102 -8.24 20.45 -17.91
CA ARG A 102 -8.93 21.04 -16.79
C ARG A 102 -8.92 20.14 -15.54
N ASN A 103 -8.64 18.85 -15.75
CA ASN A 103 -8.58 17.86 -14.67
C ASN A 103 -7.20 17.65 -14.07
N VAL A 104 -6.18 18.14 -14.78
CA VAL A 104 -4.79 17.93 -14.41
C VAL A 104 -4.01 19.19 -14.73
N ASN A 105 -3.71 19.99 -13.70
CA ASN A 105 -2.91 21.17 -13.91
C ASN A 105 -2.37 21.66 -12.58
N PRO A 106 -1.29 22.46 -12.63
CA PRO A 106 -0.55 22.77 -11.40
C PRO A 106 -1.17 23.85 -10.52
N VAL A 107 -0.72 23.90 -9.28
CA VAL A 107 -1.13 24.94 -8.33
C VAL A 107 0.03 25.87 -8.06
N ALA A 108 -0.27 27.16 -7.82
CA ALA A 108 0.72 28.17 -7.47
C ALA A 108 1.31 27.92 -6.10
N LEU A 109 2.57 28.35 -5.96
CA LEU A 109 3.30 28.37 -4.72
C LEU A 109 3.41 29.80 -4.23
N PRO A 110 3.73 29.98 -2.94
CA PRO A 110 3.92 31.35 -2.45
C PRO A 110 5.03 32.06 -3.21
N ARG A 111 4.98 33.39 -3.26
CA ARG A 111 6.10 34.19 -3.71
C ARG A 111 7.20 34.16 -2.66
N ALA A 112 8.42 34.50 -3.05
CA ALA A 112 9.54 34.52 -2.10
C ALA A 112 9.20 35.45 -0.95
N GLN A 113 9.49 35.01 0.28
CA GLN A 113 9.18 35.79 1.49
C GLN A 113 7.68 36.03 1.74
N GLU A 114 6.80 35.43 0.95
CA GLU A 114 5.36 35.51 1.23
C GLU A 114 5.05 34.62 2.42
N GLY A 115 4.52 35.21 3.50
CA GLY A 115 4.25 34.51 4.75
C GLY A 115 2.84 33.96 4.89
N LEU A 116 2.58 33.37 6.05
CA LEU A 116 1.29 32.81 6.41
C LEU A 116 1.10 32.91 7.91
N ARG A 117 0.17 33.77 8.32
CA ARG A 117 0.01 34.17 9.71
C ARG A 117 -1.05 33.37 10.45
N PRO A 118 -0.86 33.18 11.77
CA PRO A 118 -1.89 32.61 12.61
C PRO A 118 -3.26 33.26 12.42
N GLY A 119 -4.29 32.43 12.44
CA GLY A 119 -5.65 32.89 12.20
C GLY A 119 -6.16 32.75 10.78
N THR A 120 -5.25 32.57 9.81
CA THR A 120 -5.66 32.40 8.41
C THR A 120 -6.44 31.09 8.21
N LEU A 121 -7.53 31.15 7.46
CA LEU A 121 -8.34 29.99 7.12
C LEU A 121 -7.83 29.42 5.81
N CYS A 122 -7.53 28.13 5.83
CA CYS A 122 -6.98 27.43 4.68
C CYS A 122 -7.77 26.16 4.47
N THR A 123 -7.54 25.51 3.35
CA THR A 123 -8.18 24.24 3.02
C THR A 123 -7.14 23.18 2.74
N VAL A 124 -7.40 21.98 3.25
CA VAL A 124 -6.57 20.82 2.96
C VAL A 124 -7.44 19.74 2.35
N ALA A 125 -6.87 18.99 1.43
CA ALA A 125 -7.58 17.97 0.70
C ALA A 125 -6.77 16.70 0.66
N GLY A 126 -7.47 15.58 0.53
CA GLY A 126 -6.79 14.32 0.37
C GLY A 126 -7.70 13.11 0.40
N TRP A 127 -7.08 11.96 0.20
CA TRP A 127 -7.74 10.66 0.22
C TRP A 127 -7.45 9.85 1.50
N GLY A 128 -7.03 10.53 2.55
CA GLY A 128 -6.72 9.88 3.79
C GLY A 128 -7.95 9.54 4.61
N ARG A 129 -7.69 9.04 5.81
CA ARG A 129 -8.72 8.46 6.64
C ARG A 129 -9.68 9.53 7.14
N VAL A 130 -10.92 9.09 7.35
CA VAL A 130 -11.97 9.98 7.84
C VAL A 130 -12.22 9.85 9.32
N SER A 131 -11.57 8.88 9.94
CA SER A 131 -11.60 8.82 11.39
C SER A 131 -10.33 8.11 11.75
N MET A 132 -10.07 7.98 13.04
CA MET A 132 -8.87 7.33 13.47
C MET A 132 -8.64 5.99 12.73
N ARG A 133 -9.70 5.23 12.44
CA ARG A 133 -9.55 3.90 11.81
C ARG A 133 -10.50 3.58 10.64
N ARG A 134 -10.96 4.58 9.90
CA ARG A 134 -11.78 4.33 8.72
C ARG A 134 -11.30 5.17 7.55
N GLY A 135 -11.27 4.59 6.36
CA GLY A 135 -10.81 5.27 5.16
C GLY A 135 -11.89 5.71 4.19
N THR A 136 -11.44 6.22 3.06
CA THR A 136 -12.31 6.62 1.97
C THR A 136 -11.61 6.39 0.63
N ASP A 137 -12.39 6.35 -0.44
CA ASP A 137 -11.86 6.21 -1.80
C ASP A 137 -12.01 7.46 -2.65
N THR A 138 -12.73 8.48 -2.17
N THR A 138 -12.53 8.52 -2.06
CA THR A 138 -12.88 9.72 -2.93
CA THR A 138 -12.93 9.69 -2.83
C THR A 138 -12.21 10.87 -2.19
C THR A 138 -12.42 10.98 -2.16
N LEU A 139 -11.87 11.89 -2.98
CA LEU A 139 -11.18 13.07 -2.47
C LEU A 139 -12.10 13.86 -1.55
N ARG A 140 -11.57 14.27 -0.39
CA ARG A 140 -12.26 15.08 0.58
C ARG A 140 -11.44 16.29 0.93
N GLU A 141 -12.09 17.24 1.57
CA GLU A 141 -11.44 18.48 1.94
C GLU A 141 -12.04 19.04 3.21
N VAL A 142 -11.26 19.85 3.91
CA VAL A 142 -11.71 20.49 5.15
C VAL A 142 -10.98 21.83 5.31
N GLN A 143 -11.69 22.80 5.88
CA GLN A 143 -11.09 24.08 6.21
C GLN A 143 -10.53 24.05 7.63
N LEU A 144 -9.29 24.49 7.77
CA LEU A 144 -8.58 24.53 9.06
C LEU A 144 -7.98 25.90 9.24
N ARG A 145 -7.85 26.31 10.51
CA ARG A 145 -7.26 27.59 10.86
C ARG A 145 -5.81 27.42 11.27
N VAL A 146 -4.95 28.28 10.74
CA VAL A 146 -3.54 28.34 11.16
C VAL A 146 -3.48 28.79 12.63
N GLN A 147 -2.71 28.05 13.43
CA GLN A 147 -2.55 28.29 14.86
C GLN A 147 -1.26 29.03 15.13
N ARG A 148 -1.19 29.63 16.32
CA ARG A 148 0.06 30.19 16.79
C ARG A 148 1.07 29.07 17.03
N ASP A 149 2.36 29.39 16.87
CA ASP A 149 3.48 28.45 17.04
C ASP A 149 3.38 27.64 18.34
N ARG A 150 3.05 28.34 19.42
CA ARG A 150 3.05 27.77 20.76
C ARG A 150 2.22 26.50 20.87
N GLN A 151 1.13 26.43 20.11
CA GLN A 151 0.24 25.27 20.17
C GLN A 151 0.97 23.97 19.80
N CYS A 152 1.84 24.02 18.79
CA CYS A 152 2.58 22.83 18.35
C CYS A 152 3.87 22.64 19.15
N LEU A 153 4.51 23.75 19.54
CA LEU A 153 5.72 23.69 20.36
C LEU A 153 5.46 22.93 21.67
N ARG A 154 4.29 23.12 22.23
CA ARG A 154 3.96 22.50 23.51
C ARG A 154 3.71 20.99 23.47
N ILE A 155 3.31 20.43 22.33
CA ILE A 155 2.83 19.04 22.31
C ILE A 155 3.59 18.09 21.40
N PHE A 156 4.48 18.60 20.54
CA PHE A 156 5.27 17.73 19.66
C PHE A 156 6.74 17.69 20.08
N GLY A 157 7.39 16.56 19.85
CA GLY A 157 8.81 16.40 20.15
C GLY A 157 9.70 17.43 19.51
N SER A 158 9.43 17.72 18.24
CA SER A 158 10.27 18.61 17.45
C SER A 158 9.37 19.50 16.63
N TYR A 159 9.46 20.80 16.83
CA TYR A 159 8.68 21.73 16.05
C TYR A 159 9.51 22.99 15.82
N ASP A 160 9.58 23.45 14.58
CA ASP A 160 10.35 24.63 14.18
C ASP A 160 9.49 25.58 13.37
N PRO A 161 9.06 26.71 13.97
CA PRO A 161 8.20 27.59 13.21
C PRO A 161 8.80 28.18 11.96
N ARG A 162 10.12 28.17 11.84
CA ARG A 162 10.75 28.67 10.63
C ARG A 162 10.46 27.78 9.42
N ARG A 163 10.27 26.48 9.66
CA ARG A 163 10.12 25.50 8.62
C ARG A 163 8.77 24.78 8.61
N GLN A 164 7.95 24.99 9.64
CA GLN A 164 6.69 24.28 9.83
C GLN A 164 5.59 25.26 10.15
N ILE A 165 4.35 24.81 9.94
CA ILE A 165 3.15 25.55 10.25
C ILE A 165 2.32 24.70 11.20
N CYS A 166 1.66 25.35 12.16
CA CYS A 166 0.85 24.69 13.13
C CYS A 166 -0.61 24.92 12.75
N VAL A 167 -1.37 23.84 12.54
CA VAL A 167 -2.66 23.95 11.87
C VAL A 167 -3.75 23.14 12.56
N GLY A 168 -4.91 23.80 12.71
CA GLY A 168 -6.08 23.15 13.23
C GLY A 168 -6.35 23.50 14.68
N ASP A 169 -7.56 23.96 14.92
CA ASP A 169 -8.07 24.21 16.28
C ASP A 169 -8.37 22.92 17.02
N ARG A 170 -7.74 22.75 18.19
N ARG A 170 -7.75 22.73 18.17
CA ARG A 170 -7.88 21.53 19.01
CA ARG A 170 -7.99 21.52 18.96
C ARG A 170 -9.30 21.15 19.43
C ARG A 170 -9.44 21.36 19.41
N ARG A 171 -10.20 22.13 19.48
N ARG A 171 -10.20 22.46 19.38
CA ARG A 171 -11.57 21.88 19.92
CA ARG A 171 -11.61 22.43 19.79
C ARG A 171 -12.46 21.36 18.81
C ARG A 171 -12.54 21.81 18.74
N GLU A 172 -12.02 21.49 17.56
CA GLU A 172 -12.84 21.03 16.45
C GLU A 172 -12.30 19.71 15.92
N ARG A 173 -13.21 18.81 15.61
CA ARG A 173 -12.84 17.51 15.09
C ARG A 173 -12.68 17.65 13.57
N LYS A 174 -11.63 18.35 13.16
CA LYS A 174 -11.36 18.61 11.75
C LYS A 174 -9.84 18.54 11.62
N ALA A 175 -9.36 17.70 10.71
CA ALA A 175 -7.92 17.52 10.58
C ALA A 175 -7.60 16.75 9.33
N ALA A 176 -6.38 16.93 8.82
CA ALA A 176 -5.78 15.95 7.91
C ALA A 176 -5.37 14.75 8.76
N PHE A 177 -5.35 13.56 8.18
CA PHE A 177 -4.96 12.39 8.96
C PHE A 177 -4.17 11.42 8.06
N LYS A 178 -3.89 10.22 8.57
CA LYS A 178 -3.12 9.23 7.86
C LYS A 178 -3.67 9.05 6.46
N GLY A 179 -2.78 9.07 5.49
CA GLY A 179 -3.11 8.99 4.07
C GLY A 179 -3.16 10.34 3.39
N ASP A 180 -3.22 11.41 4.18
CA ASP A 180 -3.23 12.76 3.66
C ASP A 180 -1.85 13.43 3.58
N SER A 181 -0.83 12.83 4.17
CA SER A 181 0.49 13.44 4.17
C SER A 181 0.88 13.75 2.74
N GLY A 182 1.57 14.87 2.56
CA GLY A 182 1.99 15.29 1.24
C GLY A 182 1.04 16.20 0.50
N GLY A 183 -0.23 16.23 0.91
CA GLY A 183 -1.19 17.09 0.24
C GLY A 183 -1.00 18.54 0.61
N PRO A 184 -1.63 19.43 -0.16
CA PRO A 184 -1.45 20.85 0.04
C PRO A 184 -2.35 21.46 1.08
N LEU A 185 -1.84 22.50 1.72
CA LEU A 185 -2.61 23.46 2.50
C LEU A 185 -2.76 24.66 1.59
N LEU A 186 -3.99 24.89 1.14
CA LEU A 186 -4.31 25.97 0.22
C LEU A 186 -4.86 27.15 0.99
N CYS A 187 -4.26 28.31 0.79
CA CYS A 187 -4.71 29.52 1.45
C CYS A 187 -4.82 30.53 0.32
N ASN A 188 -6.04 31.02 0.09
N ASN A 188 -6.03 31.04 0.07
CA ASN A 188 -6.32 31.94 -1.00
CA ASN A 188 -6.26 31.98 -1.03
C ASN A 188 -5.76 31.40 -2.33
C ASN A 188 -5.76 31.40 -2.37
N ASN A 189 -6.00 30.11 -2.58
CA ASN A 189 -5.65 29.44 -3.83
C ASN A 189 -4.15 29.30 -4.13
N VAL A 190 -3.35 29.34 -3.07
CA VAL A 190 -1.92 29.14 -3.17
C VAL A 190 -1.55 28.03 -2.18
N ALA A 191 -0.65 27.12 -2.58
CA ALA A 191 -0.21 26.02 -1.70
C ALA A 191 0.90 26.52 -0.77
N HIS A 192 0.50 26.92 0.43
CA HIS A 192 1.44 27.41 1.45
C HIS A 192 2.02 26.30 2.32
N GLY A 193 1.37 25.16 2.38
CA GLY A 193 1.84 24.08 3.26
C GLY A 193 1.75 22.73 2.62
N ILE A 194 2.42 21.78 3.26
CA ILE A 194 2.36 20.35 2.91
C ILE A 194 1.99 19.59 4.16
N VAL A 195 0.95 18.77 4.10
CA VAL A 195 0.59 17.94 5.28
C VAL A 195 1.81 17.11 5.67
N SER A 196 2.22 17.16 6.94
CA SER A 196 3.29 16.30 7.44
C SER A 196 2.74 15.26 8.39
N TYR A 197 2.38 15.65 9.59
CA TYR A 197 1.91 14.68 10.59
C TYR A 197 1.16 15.38 11.69
N GLY A 198 0.54 14.58 12.52
CA GLY A 198 -0.10 15.01 13.75
C GLY A 198 -0.08 13.90 14.76
N LYS A 199 -0.91 14.04 15.79
CA LYS A 199 -1.07 12.98 16.78
C LYS A 199 -1.75 11.76 16.18
N SER A 200 -1.44 10.59 16.71
CA SER A 200 -2.07 9.36 16.26
C SER A 200 -3.57 9.29 16.55
N SER A 201 -4.05 10.14 17.44
CA SER A 201 -5.47 10.23 17.74
C SER A 201 -6.26 11.04 16.73
N GLY A 202 -5.56 11.79 15.88
CA GLY A 202 -6.19 12.76 15.00
C GLY A 202 -6.61 14.06 15.62
N VAL A 203 -6.36 14.27 16.92
CA VAL A 203 -6.77 15.48 17.58
C VAL A 203 -5.81 16.61 17.19
N PRO A 204 -6.30 17.69 16.61
CA PRO A 204 -5.44 18.82 16.26
C PRO A 204 -4.83 19.51 17.48
N PRO A 205 -3.84 20.39 17.26
CA PRO A 205 -3.28 20.82 16.01
C PRO A 205 -2.28 19.84 15.42
N GLU A 206 -1.92 20.07 14.16
CA GLU A 206 -1.00 19.20 13.45
C GLU A 206 0.02 20.03 12.70
N VAL A 207 1.02 19.33 12.18
CA VAL A 207 2.20 19.92 11.64
C VAL A 207 2.22 19.80 10.14
N PHE A 208 2.43 20.95 9.50
CA PHE A 208 2.60 21.06 8.04
C PHE A 208 4.00 21.61 7.76
N THR A 209 4.56 21.25 6.62
CA THR A 209 5.78 21.89 6.14
C THR A 209 5.43 23.24 5.56
N ARG A 210 6.22 24.26 5.92
CA ARG A 210 6.03 25.61 5.43
C ARG A 210 6.75 25.80 4.08
N VAL A 211 5.97 25.78 3.02
CA VAL A 211 6.52 25.81 1.67
C VAL A 211 7.44 27.00 1.42
N SER A 212 7.02 28.18 1.89
CA SER A 212 7.80 29.39 1.63
C SER A 212 9.25 29.25 2.09
N SER A 213 9.46 28.52 3.18
CA SER A 213 10.79 28.30 3.72
C SER A 213 11.70 27.46 2.81
N PHE A 214 11.11 26.64 1.95
CA PHE A 214 11.84 25.72 1.09
C PHE A 214 11.84 26.15 -0.37
N LEU A 215 11.44 27.38 -0.71
CA LEU A 215 11.40 27.79 -2.10
C LEU A 215 12.74 27.68 -2.81
N PRO A 216 13.84 28.11 -2.17
CA PRO A 216 15.12 27.91 -2.84
C PRO A 216 15.42 26.45 -3.19
N TRP A 217 15.15 25.55 -2.26
CA TRP A 217 15.35 24.13 -2.51
C TRP A 217 14.44 23.65 -3.65
N ILE A 218 13.18 24.07 -3.59
CA ILE A 218 12.22 23.66 -4.62
C ILE A 218 12.68 24.15 -6.00
N ARG A 219 13.03 25.42 -6.10
CA ARG A 219 13.42 26.01 -7.41
C ARG A 219 14.70 25.40 -7.98
N THR A 220 15.72 25.26 -7.15
CA THR A 220 16.97 24.67 -7.61
C THR A 220 16.79 23.24 -8.07
N THR A 221 16.02 22.46 -7.29
CA THR A 221 15.79 21.07 -7.62
C THR A 221 15.08 20.96 -8.97
N MET A 222 14.01 21.72 -9.13
N MET A 222 14.01 21.73 -9.14
CA MET A 222 13.23 21.69 -10.37
CA MET A 222 13.23 21.67 -10.40
C MET A 222 14.08 22.07 -11.59
C MET A 222 14.02 22.15 -11.62
N ARG A 223 14.99 23.03 -11.41
CA ARG A 223 15.92 23.42 -12.49
C ARG A 223 16.91 22.27 -12.83
N SER A 224 17.54 21.72 -11.80
CA SER A 224 18.55 20.66 -11.99
C SER A 224 17.99 19.42 -12.69
N PHE A 225 16.78 19.04 -12.34
CA PHE A 225 16.15 17.79 -12.79
C PHE A 225 14.96 18.02 -13.72
N LYS A 226 14.95 19.19 -14.35
CA LYS A 226 13.93 19.50 -15.35
C LYS A 226 13.92 18.51 -16.52
N ILE B 1 7.95 -23.57 3.65
CA ILE B 1 9.06 -23.05 2.79
C ILE B 1 10.27 -23.98 2.92
N ILE B 2 10.68 -24.53 1.77
CA ILE B 2 11.86 -25.40 1.68
C ILE B 2 13.05 -24.56 1.26
N GLY B 3 14.18 -24.71 1.95
CA GLY B 3 15.41 -24.07 1.53
C GLY B 3 15.53 -22.60 1.82
N GLY B 4 14.69 -22.12 2.74
CA GLY B 4 14.67 -20.72 3.09
C GLY B 4 15.30 -20.42 4.42
N ARG B 5 14.91 -19.28 4.97
CA ARG B 5 15.41 -18.80 6.24
C ARG B 5 14.26 -18.26 7.08
N GLU B 6 14.43 -18.25 8.39
CA GLU B 6 13.45 -17.63 9.24
C GLU B 6 13.40 -16.13 8.91
N SER B 7 12.18 -15.60 8.76
CA SER B 7 12.04 -14.17 8.49
C SER B 7 12.41 -13.36 9.71
N ARG B 8 12.87 -12.15 9.46
CA ARG B 8 12.96 -11.16 10.54
C ARG B 8 11.55 -10.92 11.06
N PRO B 9 11.31 -11.05 12.37
CA PRO B 9 9.95 -10.90 12.84
C PRO B 9 9.30 -9.59 12.39
N HIS B 10 8.08 -9.70 11.90
CA HIS B 10 7.25 -8.53 11.52
C HIS B 10 7.77 -7.76 10.32
N SER B 11 8.68 -8.36 9.56
CA SER B 11 9.24 -7.73 8.38
C SER B 11 8.34 -7.90 7.16
N ARG B 12 7.32 -8.77 7.24
N ARG B 12 7.32 -8.76 7.26
CA ARG B 12 6.38 -8.97 6.14
CA ARG B 12 6.39 -9.04 6.17
C ARG B 12 4.97 -8.81 6.68
C ARG B 12 4.96 -8.83 6.70
N PRO B 13 4.59 -7.57 7.02
CA PRO B 13 3.41 -7.31 7.83
C PRO B 13 2.08 -7.56 7.15
N TYR B 14 2.13 -7.84 5.87
CA TYR B 14 0.96 -8.25 5.10
C TYR B 14 0.63 -9.73 5.29
N MET B 15 1.51 -10.53 5.87
CA MET B 15 1.27 -11.99 5.90
C MET B 15 0.13 -12.34 6.81
N ALA B 16 -0.70 -13.27 6.33
CA ALA B 16 -1.82 -13.80 7.08
C ALA B 16 -1.64 -15.30 7.22
N TYR B 17 -1.93 -15.81 8.42
CA TYR B 17 -1.97 -17.25 8.73
C TYR B 17 -3.43 -17.64 8.81
N LEU B 18 -3.80 -18.64 8.02
CA LEU B 18 -5.21 -19.06 7.96
C LEU B 18 -5.39 -20.44 8.57
N GLN B 19 -6.38 -20.55 9.45
CA GLN B 19 -6.85 -21.82 10.01
C GLN B 19 -8.26 -22.03 9.48
N ILE B 20 -8.42 -23.09 8.72
CA ILE B 20 -9.63 -23.37 7.96
C ILE B 20 -10.34 -24.61 8.51
N GLN B 21 -11.66 -24.54 8.69
CA GLN B 21 -12.49 -25.68 9.09
C GLN B 21 -13.58 -25.91 8.06
N SER B 22 -13.97 -27.17 7.90
CA SER B 22 -15.12 -27.56 7.09
C SER B 22 -15.60 -28.90 7.63
N PRO B 23 -16.74 -29.41 7.14
CA PRO B 23 -17.15 -30.74 7.59
C PRO B 23 -16.07 -31.81 7.50
N ALA B 24 -15.13 -31.65 6.56
CA ALA B 24 -14.09 -32.63 6.26
C ALA B 24 -12.86 -32.62 7.20
N GLY B 25 -12.62 -31.51 7.91
CA GLY B 25 -11.42 -31.39 8.75
C GLY B 25 -10.77 -30.01 8.73
N GLN B 26 -9.70 -29.84 9.52
CA GLN B 26 -9.03 -28.55 9.68
C GLN B 26 -7.72 -28.47 8.89
N SER B 27 -7.47 -27.31 8.26
N SER B 27 -7.48 -27.33 8.23
CA SER B 27 -6.31 -27.12 7.39
CA SER B 27 -6.27 -27.16 7.42
C SER B 27 -5.64 -25.78 7.68
C SER B 27 -5.65 -25.78 7.66
N ARG B 28 -4.45 -25.61 7.11
CA ARG B 28 -3.64 -24.37 7.26
C ARG B 28 -3.23 -23.85 5.88
N CYS B 29 -3.24 -22.52 5.73
CA CYS B 29 -2.76 -21.85 4.53
C CYS B 29 -2.14 -20.53 4.93
N GLY B 30 -1.46 -19.91 3.98
CA GLY B 30 -1.12 -18.50 4.08
C GLY B 30 -2.08 -17.61 3.27
N GLY B 31 -1.81 -16.33 3.30
CA GLY B 31 -2.60 -15.34 2.63
C GLY B 31 -1.91 -14.03 2.86
N PHE B 32 -2.48 -12.97 2.29
CA PHE B 32 -1.89 -11.68 2.44
C PHE B 32 -2.93 -10.58 2.44
N LEU B 33 -2.73 -9.60 3.31
CA LEU B 33 -3.64 -8.50 3.46
C LEU B 33 -3.54 -7.59 2.24
N VAL B 34 -4.69 -7.26 1.65
CA VAL B 34 -4.73 -6.37 0.50
C VAL B 34 -5.57 -5.10 0.74
N ARG B 35 -6.31 -5.09 1.84
CA ARG B 35 -7.07 -3.91 2.29
C ARG B 35 -7.31 -4.16 3.77
N GLU B 36 -7.69 -3.13 4.51
CA GLU B 36 -7.89 -3.31 5.95
C GLU B 36 -8.92 -4.36 6.33
N ASP B 37 -9.80 -4.69 5.39
CA ASP B 37 -10.86 -5.67 5.53
C ASP B 37 -10.76 -6.87 4.59
N PHE B 38 -9.64 -7.07 3.90
CA PHE B 38 -9.52 -8.14 2.91
C PHE B 38 -8.18 -8.82 2.88
N VAL B 39 -8.25 -10.15 2.85
CA VAL B 39 -7.08 -10.97 2.63
C VAL B 39 -7.24 -11.76 1.32
N LEU B 40 -6.18 -11.78 0.52
CA LEU B 40 -6.11 -12.58 -0.69
C LEU B 40 -5.38 -13.87 -0.40
N THR B 41 -5.87 -14.97 -0.97
CA THR B 41 -5.32 -16.28 -0.76
C THR B 41 -5.71 -17.19 -1.93
N ALA B 42 -5.49 -18.49 -1.79
CA ALA B 42 -5.84 -19.48 -2.79
C ALA B 42 -7.27 -20.01 -2.55
N ALA B 43 -8.02 -20.20 -3.62
CA ALA B 43 -9.35 -20.80 -3.53
C ALA B 43 -9.37 -22.20 -2.98
N HIS B 44 -8.30 -22.96 -3.19
CA HIS B 44 -8.27 -24.31 -2.62
C HIS B 44 -8.16 -24.33 -1.09
N CYS B 45 -7.97 -23.16 -0.50
CA CYS B 45 -7.94 -23.02 0.95
C CYS B 45 -9.31 -22.68 1.55
N TRP B 46 -10.36 -22.73 0.74
CA TRP B 46 -11.71 -22.43 1.21
C TRP B 46 -12.15 -23.42 2.30
N GLY B 47 -12.93 -22.94 3.24
CA GLY B 47 -13.67 -23.82 4.14
C GLY B 47 -14.87 -23.06 4.66
N SER B 48 -15.71 -23.75 5.43
CA SER B 48 -16.91 -23.14 6.01
C SER B 48 -16.63 -22.12 7.11
N ASN B 49 -15.47 -22.24 7.76
CA ASN B 49 -15.04 -21.27 8.75
C ASN B 49 -13.55 -21.07 8.60
N ILE B 50 -13.14 -19.81 8.57
CA ILE B 50 -11.73 -19.46 8.49
C ILE B 50 -11.37 -18.42 9.52
N ASN B 51 -10.37 -18.76 10.34
CA ASN B 51 -9.83 -17.87 11.33
C ASN B 51 -8.52 -17.32 10.76
N VAL B 52 -8.39 -16.01 10.74
CA VAL B 52 -7.21 -15.36 10.19
C VAL B 52 -6.40 -14.78 11.33
N THR B 53 -5.09 -14.97 11.29
CA THR B 53 -4.20 -14.30 12.22
C THR B 53 -3.25 -13.40 11.46
N LEU B 54 -3.33 -12.10 11.77
N LEU B 54 -3.28 -12.12 11.81
CA LEU B 54 -2.39 -11.11 11.27
CA LEU B 54 -2.40 -11.12 11.26
C LEU B 54 -1.37 -10.79 12.34
C LEU B 54 -1.43 -10.66 12.35
N GLY B 55 -0.27 -10.18 11.96
CA GLY B 55 0.72 -9.69 12.93
C GLY B 55 1.55 -10.77 13.60
N ALA B 56 1.55 -11.98 13.04
CA ALA B 56 2.22 -13.12 13.64
C ALA B 56 3.63 -13.28 13.17
N HIS B 57 4.44 -13.81 14.09
CA HIS B 57 5.71 -14.40 13.71
C HIS B 57 5.72 -15.86 14.09
N ASN B 58 5.69 -16.14 15.40
CA ASN B 58 5.53 -17.48 15.92
C ASN B 58 4.05 -17.75 16.14
N ILE B 59 3.46 -18.58 15.28
N ILE B 59 3.48 -18.60 15.30
CA ILE B 59 2.03 -18.90 15.36
CA ILE B 59 2.06 -18.87 15.35
C ILE B 59 1.69 -19.95 16.41
C ILE B 59 1.69 -19.76 16.54
N GLN B 60 2.70 -20.36 17.18
CA GLN B 60 2.50 -21.17 18.37
C GLN B 60 2.59 -20.37 19.66
N ARG B 61 2.72 -19.05 19.56
CA ARG B 61 2.71 -18.20 20.71
C ARG B 61 1.57 -17.22 20.61
N ARG B 62 1.06 -16.82 21.77
CA ARG B 62 -0.03 -15.84 21.84
C ARG B 62 0.58 -14.44 21.89
N GLU B 63 1.18 -14.02 20.76
CA GLU B 63 1.92 -12.80 20.66
C GLU B 63 0.96 -11.62 20.74
N ASN B 64 1.33 -10.57 21.46
N ASN B 64 1.38 -10.59 21.45
CA ASN B 64 0.45 -9.39 21.55
CA ASN B 64 0.61 -9.34 21.58
C ASN B 64 0.45 -8.52 20.26
C ASN B 64 0.34 -8.67 20.23
N THR B 65 1.25 -8.89 19.27
CA THR B 65 1.16 -8.24 17.95
C THR B 65 0.11 -8.88 17.08
N GLN B 66 -0.39 -10.05 17.49
CA GLN B 66 -1.36 -10.76 16.66
C GLN B 66 -2.72 -10.13 16.76
N GLN B 67 -3.40 -10.11 15.62
CA GLN B 67 -4.81 -9.79 15.56
C GLN B 67 -5.53 -11.00 14.98
N HIS B 68 -6.53 -11.49 15.68
CA HIS B 68 -7.29 -12.68 15.31
C HIS B 68 -8.64 -12.23 14.82
N ILE B 69 -8.97 -12.52 13.57
CA ILE B 69 -10.21 -12.06 12.98
C ILE B 69 -10.76 -13.17 12.12
N THR B 70 -12.04 -13.44 12.23
CA THR B 70 -12.64 -14.46 11.40
C THR B 70 -12.97 -13.87 10.02
N ALA B 71 -13.09 -14.75 9.05
CA ALA B 71 -13.59 -14.39 7.73
C ALA B 71 -15.11 -14.30 7.74
N ARG B 72 -15.62 -13.10 7.50
CA ARG B 72 -17.07 -12.87 7.40
C ARG B 72 -17.60 -13.50 6.12
N ARG B 73 -16.87 -13.28 5.03
CA ARG B 73 -17.16 -13.93 3.76
C ARG B 73 -15.88 -14.53 3.18
N ALA B 74 -16.00 -15.71 2.56
CA ALA B 74 -14.91 -16.36 1.83
C ALA B 74 -15.33 -16.53 0.38
N ILE B 75 -14.80 -15.67 -0.50
CA ILE B 75 -15.25 -15.49 -1.88
C ILE B 75 -14.21 -16.12 -2.82
N ARG B 76 -14.37 -17.39 -3.10
CA ARG B 76 -13.57 -18.07 -4.08
C ARG B 76 -13.83 -17.44 -5.42
N HIS B 77 -12.82 -17.41 -6.27
CA HIS B 77 -13.10 -17.08 -7.64
C HIS B 77 -14.13 -18.06 -8.17
N PRO B 78 -15.22 -17.54 -8.75
CA PRO B 78 -16.34 -18.43 -9.04
C PRO B 78 -16.10 -19.34 -10.22
N GLN B 79 -14.94 -19.21 -10.88
CA GLN B 79 -14.51 -20.19 -11.88
C GLN B 79 -13.38 -21.10 -11.40
N TYR B 80 -13.09 -21.09 -10.10
CA TYR B 80 -12.13 -22.04 -9.55
C TYR B 80 -12.56 -23.46 -9.96
N ASN B 81 -11.60 -24.24 -10.42
CA ASN B 81 -11.82 -25.64 -10.80
C ASN B 81 -10.97 -26.52 -9.91
N GLN B 82 -11.62 -27.33 -9.09
CA GLN B 82 -10.89 -28.19 -8.16
C GLN B 82 -10.08 -29.31 -8.81
N ARG B 83 -10.47 -29.73 -10.02
CA ARG B 83 -9.72 -30.78 -10.70
C ARG B 83 -8.45 -30.23 -11.34
N THR B 84 -8.57 -29.10 -12.03
CA THR B 84 -7.43 -28.53 -12.73
C THR B 84 -6.63 -27.55 -11.88
N ILE B 85 -7.21 -27.11 -10.76
CA ILE B 85 -6.66 -26.06 -9.88
C ILE B 85 -6.56 -24.70 -10.61
N GLN B 86 -7.35 -24.47 -11.64
CA GLN B 86 -7.32 -23.19 -12.34
C GLN B 86 -8.16 -22.16 -11.60
N ASN B 87 -7.77 -20.90 -11.75
CA ASN B 87 -8.40 -19.77 -11.07
C ASN B 87 -8.32 -19.92 -9.55
N ASP B 88 -7.12 -20.29 -9.09
CA ASP B 88 -6.89 -20.56 -7.67
C ASP B 88 -6.60 -19.27 -6.89
N ILE B 89 -7.69 -18.56 -6.63
CA ILE B 89 -7.63 -17.26 -6.01
C ILE B 89 -8.93 -17.06 -5.22
N MET B 90 -8.82 -16.42 -4.07
CA MET B 90 -9.95 -16.22 -3.16
C MET B 90 -9.75 -14.96 -2.34
N LEU B 91 -10.82 -14.19 -2.15
CA LEU B 91 -10.82 -13.05 -1.24
C LEU B 91 -11.57 -13.38 0.02
N LEU B 92 -10.98 -13.05 1.16
CA LEU B 92 -11.63 -13.17 2.47
C LEU B 92 -11.96 -11.80 2.97
N GLN B 93 -13.26 -11.53 3.17
CA GLN B 93 -13.70 -10.32 3.83
C GLN B 93 -13.57 -10.56 5.33
N LEU B 94 -12.80 -9.73 6.00
CA LEU B 94 -12.61 -9.87 7.44
C LEU B 94 -13.85 -9.37 8.21
N SER B 95 -14.12 -9.98 9.36
N SER B 95 -14.13 -9.99 9.35
CA SER B 95 -15.27 -9.63 10.21
CA SER B 95 -15.28 -9.61 10.20
C SER B 95 -15.12 -8.29 10.93
C SER B 95 -15.14 -8.20 10.77
N ARG B 96 -13.91 -7.75 10.96
CA ARG B 96 -13.67 -6.37 11.34
C ARG B 96 -12.42 -5.89 10.62
N ARG B 97 -12.25 -4.60 10.54
CA ARG B 97 -11.07 -4.05 9.94
C ARG B 97 -9.89 -4.22 10.89
N VAL B 98 -8.73 -4.56 10.33
CA VAL B 98 -7.50 -4.64 11.11
C VAL B 98 -7.08 -3.28 11.61
N ARG B 99 -6.32 -3.21 12.71
N ARG B 99 -6.27 -3.28 12.68
CA ARG B 99 -5.63 -1.96 12.99
CA ARG B 99 -5.47 -2.14 13.06
C ARG B 99 -4.21 -2.00 12.42
C ARG B 99 -4.17 -2.14 12.25
N ARG B 100 -3.98 -1.17 11.43
N ARG B 100 -3.88 -1.02 11.60
CA ARG B 100 -2.70 -1.11 10.74
CA ARG B 100 -2.69 -0.91 10.77
C ARG B 100 -1.63 -0.50 11.64
C ARG B 100 -1.53 -0.32 11.54
N ASN B 101 -0.42 -1.05 11.55
CA ASN B 101 0.72 -0.63 12.33
C ASN B 101 1.92 -1.32 11.71
N ARG B 102 3.08 -1.25 12.35
N ARG B 102 3.06 -1.28 12.41
CA ARG B 102 4.27 -1.86 11.76
CA ARG B 102 4.31 -1.87 11.93
C ARG B 102 4.15 -3.38 11.62
C ARG B 102 4.26 -3.40 11.76
N ASN B 103 3.25 -4.02 12.36
CA ASN B 103 3.07 -5.46 12.29
C ASN B 103 2.00 -5.95 11.32
N VAL B 104 1.11 -5.04 10.90
CA VAL B 104 -0.04 -5.38 10.08
C VAL B 104 -0.28 -4.27 9.06
N ASN B 105 -0.08 -4.57 7.77
CA ASN B 105 -0.20 -3.56 6.73
C ASN B 105 -0.44 -4.30 5.40
N PRO B 106 -1.39 -3.82 4.57
N PRO B 106 -1.26 -3.73 4.51
CA PRO B 106 -1.58 -4.38 3.22
CA PRO B 106 -1.55 -4.45 3.27
C PRO B 106 -0.38 -4.30 2.31
C PRO B 106 -0.44 -4.26 2.26
N VAL B 107 -0.41 -5.15 1.26
CA VAL B 107 0.61 -5.14 0.23
C VAL B 107 -0.05 -4.76 -1.09
N ALA B 108 0.74 -4.16 -1.96
CA ALA B 108 0.26 -3.80 -3.30
C ALA B 108 0.07 -5.00 -4.21
N LEU B 109 -0.85 -4.82 -5.16
CA LEU B 109 -1.05 -5.73 -6.27
C LEU B 109 -0.56 -5.06 -7.55
N PRO B 110 -0.30 -5.86 -8.59
CA PRO B 110 0.12 -5.27 -9.86
C PRO B 110 -1.01 -4.51 -10.54
N ARG B 111 -0.66 -3.80 -11.59
CA ARG B 111 -1.65 -3.25 -12.48
C ARG B 111 -2.23 -4.36 -13.37
N ALA B 112 -3.36 -4.08 -13.99
CA ALA B 112 -4.06 -5.11 -14.76
C ALA B 112 -3.16 -5.68 -15.87
N GLN B 113 -3.00 -7.00 -15.85
CA GLN B 113 -2.23 -7.75 -16.84
C GLN B 113 -0.74 -7.46 -16.83
N GLU B 114 -0.24 -6.80 -15.79
CA GLU B 114 1.19 -6.50 -15.70
C GLU B 114 2.01 -7.79 -15.65
N GLY B 115 3.11 -7.81 -16.38
CA GLY B 115 3.99 -8.97 -16.47
C GLY B 115 5.23 -8.88 -15.59
N LEU B 116 6.14 -9.79 -15.86
N LEU B 116 6.14 -9.85 -15.74
CA LEU B 116 7.22 -10.11 -14.97
CA LEU B 116 7.46 -9.88 -15.07
C LEU B 116 8.36 -10.64 -15.83
C LEU B 116 8.55 -10.29 -16.06
N ARG B 117 9.57 -10.14 -15.61
N ARG B 117 9.78 -9.83 -15.82
CA ARG B 117 10.72 -10.49 -16.41
CA ARG B 117 10.93 -10.40 -16.52
C ARG B 117 11.25 -11.84 -15.97
C ARG B 117 11.23 -11.82 -16.01
N PRO B 118 11.47 -12.77 -16.92
CA PRO B 118 11.99 -14.06 -16.49
C PRO B 118 13.36 -13.88 -15.83
N GLY B 119 13.62 -14.71 -14.82
CA GLY B 119 14.85 -14.61 -14.05
C GLY B 119 14.72 -13.71 -12.83
N THR B 120 13.66 -12.92 -12.73
CA THR B 120 13.47 -12.02 -11.59
C THR B 120 13.43 -12.86 -10.32
N LEU B 121 14.17 -12.43 -9.30
N LEU B 121 14.26 -12.54 -9.32
CA LEU B 121 14.16 -13.06 -8.00
CA LEU B 121 14.09 -13.17 -8.00
C LEU B 121 13.05 -12.47 -7.12
C LEU B 121 12.97 -12.47 -7.27
N CYS B 122 12.07 -13.28 -6.73
CA CYS B 122 10.93 -12.81 -5.94
C CYS B 122 10.94 -13.58 -4.64
N THR B 123 10.31 -13.02 -3.62
CA THR B 123 10.25 -13.66 -2.33
C THR B 123 8.91 -14.27 -2.05
N VAL B 124 8.94 -15.47 -1.52
CA VAL B 124 7.75 -16.13 -1.02
C VAL B 124 7.95 -16.41 0.45
N ALA B 125 6.89 -16.27 1.23
CA ALA B 125 6.95 -16.48 2.67
C ALA B 125 5.78 -17.31 3.13
N GLY B 126 5.96 -18.00 4.25
CA GLY B 126 4.88 -18.76 4.83
C GLY B 126 5.31 -19.61 6.00
N TRP B 127 4.31 -20.23 6.59
CA TRP B 127 4.47 -21.09 7.76
C TRP B 127 4.34 -22.57 7.37
N GLY B 128 4.49 -22.86 6.08
CA GLY B 128 4.45 -24.22 5.59
C GLY B 128 5.62 -25.10 5.96
N ARG B 129 5.54 -26.34 5.50
CA ARG B 129 6.57 -27.32 5.82
C ARG B 129 7.91 -26.97 5.20
N VAL B 130 9.01 -27.38 5.87
CA VAL B 130 10.36 -27.10 5.40
C VAL B 130 11.00 -28.34 4.79
N SER B 131 10.26 -29.43 4.82
CA SER B 131 10.66 -30.68 4.17
C SER B 131 9.37 -31.48 4.03
N MET B 132 9.48 -32.76 3.67
CA MET B 132 8.28 -33.56 3.51
C MET B 132 7.49 -33.64 4.80
N ARG B 133 8.19 -33.77 5.93
CA ARG B 133 7.56 -33.97 7.23
C ARG B 133 7.65 -32.76 8.16
N ARG B 134 8.81 -32.11 8.20
CA ARG B 134 9.11 -31.21 9.31
C ARG B 134 8.58 -29.79 9.04
N GLY B 135 8.09 -29.17 10.09
CA GLY B 135 7.36 -27.91 9.98
C GLY B 135 8.09 -26.79 10.64
N THR B 136 7.40 -25.67 10.71
CA THR B 136 7.91 -24.47 11.36
C THR B 136 6.79 -23.81 12.17
N ASP B 137 7.18 -23.24 13.31
CA ASP B 137 6.27 -22.45 14.13
C ASP B 137 6.36 -20.99 13.73
N THR B 138 7.50 -20.61 13.12
CA THR B 138 7.79 -19.21 12.77
C THR B 138 7.81 -19.00 11.27
N LEU B 139 7.51 -17.77 10.87
CA LEU B 139 7.47 -17.40 9.44
C LEU B 139 8.84 -17.57 8.82
N ARG B 140 8.87 -18.19 7.62
CA ARG B 140 10.09 -18.34 6.85
C ARG B 140 9.87 -17.76 5.46
N GLU B 141 10.97 -17.57 4.75
CA GLU B 141 10.96 -17.01 3.42
C GLU B 141 12.09 -17.50 2.58
N VAL B 142 11.92 -17.39 1.27
CA VAL B 142 12.90 -17.82 0.33
C VAL B 142 12.72 -17.02 -0.95
N GLN B 143 13.81 -16.81 -1.66
CA GLN B 143 13.78 -16.17 -2.96
C GLN B 143 13.82 -17.21 -4.07
N LEU B 144 12.85 -17.10 -4.98
CA LEU B 144 12.68 -18.02 -6.09
C LEU B 144 12.74 -17.23 -7.39
N ARG B 145 13.28 -17.89 -8.41
N ARG B 145 13.36 -17.83 -8.40
CA ARG B 145 13.47 -17.26 -9.70
CA ARG B 145 13.42 -17.16 -9.70
C ARG B 145 12.29 -17.53 -10.64
C ARG B 145 12.23 -17.50 -10.57
N VAL B 146 11.71 -16.46 -11.20
CA VAL B 146 10.62 -16.60 -12.17
C VAL B 146 11.16 -17.33 -13.39
N GLN B 147 10.44 -18.36 -13.83
CA GLN B 147 10.83 -19.17 -14.98
C GLN B 147 10.03 -18.79 -16.19
N ARG B 148 10.55 -19.15 -17.36
CA ARG B 148 9.74 -19.09 -18.56
C ARG B 148 8.69 -20.18 -18.48
N ASP B 149 7.59 -20.00 -19.21
CA ASP B 149 6.46 -20.89 -19.12
C ASP B 149 6.72 -22.36 -19.52
N ARG B 150 7.68 -22.60 -20.41
CA ARG B 150 7.98 -23.95 -20.95
C ARG B 150 8.17 -25.04 -19.88
N GLN B 151 8.80 -24.67 -18.78
CA GLN B 151 9.06 -25.61 -17.71
C GLN B 151 7.74 -26.18 -17.16
N CYS B 152 6.84 -25.27 -16.77
CA CYS B 152 5.61 -25.68 -16.18
C CYS B 152 4.69 -26.35 -17.21
N LEU B 153 4.71 -25.88 -18.45
CA LEU B 153 3.90 -26.50 -19.53
C LEU B 153 4.24 -27.99 -19.73
N ARG B 154 5.50 -28.34 -19.54
N ARG B 154 5.52 -28.31 -19.53
CA ARG B 154 5.92 -29.73 -19.66
CA ARG B 154 6.04 -29.67 -19.64
C ARG B 154 5.42 -30.58 -18.50
C ARG B 154 5.63 -30.60 -18.50
N ILE B 155 5.55 -30.04 -17.29
CA ILE B 155 5.38 -30.79 -16.05
C ILE B 155 3.96 -30.87 -15.54
N PHE B 156 3.20 -29.81 -15.78
CA PHE B 156 1.89 -29.63 -15.18
C PHE B 156 0.83 -29.56 -16.26
N GLY B 157 0.01 -30.61 -16.31
CA GLY B 157 -0.96 -30.82 -17.36
C GLY B 157 -1.96 -29.69 -17.56
N SER B 158 -2.30 -29.00 -16.47
CA SER B 158 -3.29 -27.93 -16.54
C SER B 158 -2.71 -26.51 -16.40
N TYR B 159 -1.44 -26.30 -16.72
CA TYR B 159 -0.81 -24.97 -16.60
C TYR B 159 -1.22 -24.03 -17.75
N ASP B 160 -1.55 -22.78 -17.42
CA ASP B 160 -2.04 -21.79 -18.38
C ASP B 160 -1.32 -20.46 -18.13
N PRO B 161 -0.39 -20.07 -19.01
CA PRO B 161 0.39 -18.86 -18.90
C PRO B 161 -0.45 -17.59 -18.80
N ARG B 162 -1.69 -17.64 -19.28
CA ARG B 162 -2.53 -16.46 -19.19
C ARG B 162 -3.00 -16.18 -17.77
N ARG B 163 -2.92 -17.19 -16.89
CA ARG B 163 -3.46 -17.11 -15.52
C ARG B 163 -2.49 -17.54 -14.41
N GLN B 164 -1.30 -18.04 -14.77
CA GLN B 164 -0.39 -18.63 -13.79
C GLN B 164 1.02 -18.18 -14.13
N ILE B 165 1.89 -18.33 -13.13
CA ILE B 165 3.31 -18.00 -13.25
C ILE B 165 4.09 -19.26 -12.83
N CYS B 166 5.17 -19.54 -13.55
CA CYS B 166 6.05 -20.66 -13.30
C CYS B 166 7.25 -20.20 -12.51
N VAL B 167 7.48 -20.83 -11.36
CA VAL B 167 8.41 -20.28 -10.37
C VAL B 167 9.33 -21.36 -9.79
N GLY B 168 10.61 -21.00 -9.70
CA GLY B 168 11.62 -21.84 -9.05
C GLY B 168 12.49 -22.58 -10.04
N ASP B 169 13.81 -22.46 -9.84
CA ASP B 169 14.79 -23.18 -10.61
C ASP B 169 14.90 -24.62 -10.08
N ARG B 170 14.77 -25.60 -10.96
CA ARG B 170 14.80 -27.02 -10.58
C ARG B 170 16.11 -27.47 -9.93
N ARG B 171 17.19 -26.70 -10.15
CA ARG B 171 18.54 -27.06 -9.66
C ARG B 171 18.73 -26.68 -8.20
N GLU B 172 17.82 -25.87 -7.66
CA GLU B 172 17.91 -25.37 -6.30
C GLU B 172 16.83 -25.99 -5.43
N ARG B 173 17.20 -26.41 -4.22
CA ARG B 173 16.25 -26.97 -3.26
C ARG B 173 15.64 -25.81 -2.50
N LYS B 174 14.81 -25.07 -3.22
CA LYS B 174 14.11 -23.88 -2.69
C LYS B 174 12.71 -23.87 -3.27
N ALA B 175 11.71 -23.80 -2.41
CA ALA B 175 10.34 -23.92 -2.87
C ALA B 175 9.37 -23.52 -1.79
N ALA B 176 8.18 -23.06 -2.20
CA ALA B 176 7.03 -23.07 -1.32
C ALA B 176 6.53 -24.51 -1.22
N PHE B 177 5.89 -24.88 -0.12
CA PHE B 177 5.37 -26.23 0.02
C PHE B 177 4.03 -26.26 0.76
N LYS B 178 3.53 -27.44 1.13
CA LYS B 178 2.27 -27.62 1.82
C LYS B 178 2.24 -26.74 3.07
N GLY B 179 1.17 -25.96 3.18
CA GLY B 179 1.00 -25.00 4.24
C GLY B 179 1.29 -23.58 3.83
N ASP B 180 2.03 -23.44 2.73
CA ASP B 180 2.34 -22.12 2.15
C ASP B 180 1.34 -21.63 1.11
N SER B 181 0.44 -22.51 0.65
CA SER B 181 -0.54 -22.10 -0.34
C SER B 181 -1.24 -20.84 0.12
N GLY B 182 -1.52 -19.96 -0.83
CA GLY B 182 -2.19 -18.73 -0.52
C GLY B 182 -1.27 -17.58 -0.23
N GLY B 183 -0.02 -17.84 0.11
CA GLY B 183 0.92 -16.78 0.38
C GLY B 183 1.34 -16.06 -0.88
N PRO B 184 1.96 -14.90 -0.73
CA PRO B 184 2.35 -14.07 -1.85
C PRO B 184 3.70 -14.43 -2.45
N LEU B 185 3.82 -14.14 -3.74
CA LEU B 185 5.09 -14.03 -4.45
C LEU B 185 5.31 -12.53 -4.64
N LEU B 186 6.32 -11.99 -3.97
CA LEU B 186 6.61 -10.57 -3.94
C LEU B 186 7.75 -10.26 -4.88
N CYS B 187 7.49 -9.44 -5.88
CA CYS B 187 8.47 -9.06 -6.86
C CYS B 187 8.49 -7.54 -6.88
N ASN B 188 9.64 -6.96 -6.57
CA ASN B 188 9.77 -5.52 -6.47
C ASN B 188 8.70 -4.94 -5.53
N ASN B 189 8.48 -5.61 -4.40
CA ASN B 189 7.54 -5.19 -3.36
C ASN B 189 6.04 -5.22 -3.74
N VAL B 190 5.70 -5.95 -4.79
CA VAL B 190 4.33 -6.08 -5.28
C VAL B 190 3.97 -7.56 -5.31
N ALA B 191 2.77 -7.92 -4.85
CA ALA B 191 2.35 -9.32 -4.87
C ALA B 191 1.86 -9.71 -6.26
N HIS B 192 2.75 -10.31 -7.04
CA HIS B 192 2.44 -10.79 -8.38
C HIS B 192 1.84 -12.19 -8.39
N GLY B 193 2.11 -12.99 -7.37
CA GLY B 193 1.69 -14.36 -7.38
C GLY B 193 1.06 -14.81 -6.09
N ILE B 194 0.30 -15.90 -6.18
CA ILE B 194 -0.24 -16.61 -5.02
C ILE B 194 0.26 -18.04 -5.11
N VAL B 195 0.84 -18.56 -4.01
CA VAL B 195 1.28 -19.93 -3.99
C VAL B 195 0.06 -20.82 -4.27
N SER B 196 0.17 -21.69 -5.27
CA SER B 196 -0.94 -22.57 -5.60
C SER B 196 -0.55 -24.04 -5.40
N TYR B 197 0.27 -24.56 -6.28
CA TYR B 197 0.63 -25.97 -6.16
C TYR B 197 1.92 -26.29 -6.82
N GLY B 198 2.44 -27.46 -6.50
CA GLY B 198 3.59 -27.97 -7.18
C GLY B 198 3.57 -29.47 -7.05
N LYS B 199 4.69 -30.10 -7.38
N LYS B 199 4.71 -30.08 -7.36
CA LYS B 199 4.79 -31.55 -7.23
CA LYS B 199 4.90 -31.53 -7.23
C LYS B 199 4.91 -31.89 -5.76
C LYS B 199 4.82 -31.93 -5.75
N SER B 200 4.35 -33.04 -5.38
N SER B 200 4.37 -33.15 -5.49
CA SER B 200 4.33 -33.49 -3.98
CA SER B 200 4.30 -33.65 -4.11
C SER B 200 5.73 -33.73 -3.45
C SER B 200 5.69 -33.79 -3.49
N SER B 201 6.71 -33.90 -4.33
CA SER B 201 8.12 -33.98 -3.91
C SER B 201 8.68 -32.65 -3.39
N GLY B 202 8.02 -31.55 -3.72
CA GLY B 202 8.53 -30.23 -3.40
C GLY B 202 9.60 -29.73 -4.35
N VAL B 203 9.94 -30.50 -5.38
CA VAL B 203 10.99 -30.10 -6.31
C VAL B 203 10.43 -29.09 -7.31
N PRO B 204 11.09 -27.94 -7.48
CA PRO B 204 10.65 -26.90 -8.43
C PRO B 204 10.75 -27.35 -9.87
N PRO B 205 10.11 -26.64 -10.81
CA PRO B 205 9.27 -25.46 -10.59
C PRO B 205 7.89 -25.76 -10.07
N GLU B 206 7.23 -24.70 -9.61
CA GLU B 206 5.89 -24.80 -9.05
C GLU B 206 5.02 -23.71 -9.67
N VAL B 207 3.73 -23.84 -9.44
CA VAL B 207 2.72 -22.99 -10.06
C VAL B 207 2.15 -22.00 -9.06
N PHE B 208 2.18 -20.73 -9.50
CA PHE B 208 1.57 -19.63 -8.76
C PHE B 208 0.44 -19.05 -9.58
N THR B 209 -0.61 -18.61 -8.91
CA THR B 209 -1.64 -17.81 -9.59
C THR B 209 -1.07 -16.45 -9.99
N ARG B 210 -1.36 -16.03 -11.22
CA ARG B 210 -0.92 -14.73 -11.72
C ARG B 210 -1.94 -13.69 -11.29
N VAL B 211 -1.64 -12.98 -10.19
CA VAL B 211 -2.59 -12.01 -9.65
C VAL B 211 -3.07 -11.02 -10.73
N SER B 212 -2.16 -10.58 -11.58
CA SER B 212 -2.51 -9.54 -12.54
C SER B 212 -3.46 -9.99 -13.63
N SER B 213 -3.79 -11.29 -13.65
CA SER B 213 -4.83 -11.78 -14.54
C SER B 213 -6.22 -11.60 -14.01
N PHE B 214 -6.35 -11.14 -12.77
CA PHE B 214 -7.64 -11.14 -12.06
C PHE B 214 -8.02 -9.81 -11.46
N LEU B 215 -7.42 -8.70 -11.92
CA LEU B 215 -7.70 -7.43 -11.23
C LEU B 215 -9.15 -6.96 -11.33
N PRO B 216 -9.79 -7.02 -12.50
CA PRO B 216 -11.19 -6.56 -12.50
C PRO B 216 -12.04 -7.33 -11.51
N TRP B 217 -11.86 -8.65 -11.40
CA TRP B 217 -12.62 -9.43 -10.46
C TRP B 217 -12.28 -9.05 -9.00
N ILE B 218 -11.00 -8.90 -8.71
CA ILE B 218 -10.60 -8.53 -7.36
C ILE B 218 -11.18 -7.17 -6.99
N ARG B 219 -11.02 -6.22 -7.91
CA ARG B 219 -11.47 -4.83 -7.65
C ARG B 219 -12.98 -4.69 -7.53
N THR B 220 -13.69 -5.31 -8.45
N THR B 220 -13.73 -5.33 -8.43
CA THR B 220 -15.12 -5.27 -8.44
CA THR B 220 -15.21 -5.27 -8.38
C THR B 220 -15.61 -5.90 -7.12
C THR B 220 -15.72 -5.99 -7.14
N THR B 221 -15.05 -7.06 -6.75
CA THR B 221 -15.45 -7.75 -5.52
C THR B 221 -15.25 -6.84 -4.30
N MET B 222 -14.06 -6.27 -4.12
N MET B 222 -14.06 -6.26 -4.14
CA MET B 222 -13.82 -5.43 -2.95
CA MET B 222 -13.75 -5.41 -2.98
C MET B 222 -14.66 -4.15 -2.96
C MET B 222 -14.54 -4.08 -2.96
N ARG B 223 -14.83 -3.55 -4.14
CA ARG B 223 -15.60 -2.30 -4.25
C ARG B 223 -17.01 -2.47 -3.74
N SER B 224 -17.54 -3.69 -3.83
CA SER B 224 -18.90 -3.99 -3.38
C SER B 224 -19.02 -4.11 -1.87
N PHE B 225 -17.95 -3.88 -1.12
CA PHE B 225 -17.99 -3.81 0.36
C PHE B 225 -17.61 -2.42 0.81
N LYS B 226 -18.49 -1.80 1.59
CA LYS B 226 -18.29 -0.42 2.03
C LYS B 226 -17.05 -0.24 2.87
N LEU B 227 -16.43 0.93 2.74
CA LEU B 227 -15.28 1.28 3.55
C LEU B 227 -15.71 1.80 4.92
#